data_6QOV
#
_entry.id   6QOV
#
_cell.length_a   75.033
_cell.length_b   79.041
_cell.length_c   87.583
_cell.angle_alpha   90.000
_cell.angle_beta   90.000
_cell.angle_gamma   90.000
#
_symmetry.space_group_name_H-M   'P 21 21 21'
#
loop_
_entity.id
_entity.type
_entity.pdbx_description
1 polymer 'tRNA (guanine-N(1)-)-methyltransferase'
2 non-polymer (6-phenylpyridin-3-yl)methanamine
3 water water
#
_entity_poly.entity_id   1
_entity_poly.type   'polypeptide(L)'
_entity_poly.pdbx_seq_one_letter_code
;GSMKIDVVTIFPEYLQPVRQSLPGKAIDAGLVDVAVHDLRRWTHDVHKSVDDSPYGGGPGMVMKPTVWGDALDEICTSET
LLVVPTPAGYPFTQETAWQWSTEDHLVIACGRYEGIDQRVADDAATRMRVREVSIGDYVLNGGEAAALVIIEAVLRLVPG
VLGNALSAQEDSHSEGMASLLEGPSYTRPPSWRGMDVPPVLLSGDHAKIAAWRAEQSRQRTIERRPDLLGFDSPTGEHGG
DGLS
;
_entity_poly.pdbx_strand_id   A,B
#
# COMPACT_ATOMS: atom_id res chain seq x y z
N SER A 2 -20.95 0.49 -11.23
CA SER A 2 -20.26 0.57 -12.52
C SER A 2 -19.14 1.61 -12.49
N MET A 3 -17.90 1.14 -12.50
CA MET A 3 -16.75 2.05 -12.43
C MET A 3 -15.71 1.75 -13.51
N LYS A 4 -15.22 2.81 -14.15
CA LYS A 4 -14.05 2.71 -15.01
C LYS A 4 -12.82 3.30 -14.31
N ILE A 5 -11.69 2.58 -14.36
CA ILE A 5 -10.43 3.08 -13.82
C ILE A 5 -9.38 3.07 -14.94
N ASP A 6 -8.76 4.22 -15.19
CA ASP A 6 -7.61 4.30 -16.10
C ASP A 6 -6.35 4.58 -15.27
N VAL A 7 -5.28 3.82 -15.50
CA VAL A 7 -4.00 4.07 -14.82
C VAL A 7 -2.95 4.47 -15.85
N VAL A 8 -2.18 5.53 -15.56
CA VAL A 8 -1.13 6.00 -16.46
C VAL A 8 0.24 5.88 -15.77
N THR A 9 1.19 5.23 -16.45
CA THR A 9 2.46 4.82 -15.82
C THR A 9 3.54 4.55 -16.88
N ILE A 10 4.82 4.73 -16.54
CA ILE A 10 5.86 4.27 -17.47
C ILE A 10 6.20 2.78 -17.27
N PHE A 11 5.54 2.13 -16.32
CA PHE A 11 5.70 0.68 -16.10
C PHE A 11 4.35 -0.05 -16.10
N PRO A 12 3.70 -0.13 -17.27
CA PRO A 12 2.36 -0.74 -17.32
C PRO A 12 2.30 -2.21 -16.84
N GLU A 13 3.41 -2.93 -16.94
CA GLU A 13 3.44 -4.33 -16.51
C GLU A 13 3.20 -4.48 -15.00
N TYR A 14 3.47 -3.41 -14.25
CA TYR A 14 3.31 -3.44 -12.78
C TYR A 14 1.85 -3.63 -12.38
N LEU A 15 0.94 -3.21 -13.25
CA LEU A 15 -0.47 -3.19 -12.91
C LEU A 15 -1.19 -4.46 -13.35
N GLN A 16 -0.44 -5.42 -13.89
CA GLN A 16 -1.01 -6.70 -14.31
C GLN A 16 -1.76 -7.49 -13.20
N PRO A 17 -1.33 -7.42 -11.93
CA PRO A 17 -2.11 -8.11 -10.90
C PRO A 17 -3.56 -7.64 -10.78
N VAL A 18 -3.83 -6.39 -11.10
CA VAL A 18 -5.19 -5.87 -11.02
C VAL A 18 -6.10 -6.60 -12.01
N ARG A 19 -5.69 -6.62 -13.27
CA ARG A 19 -6.45 -7.31 -14.31
C ARG A 19 -6.66 -8.79 -13.97
N GLN A 20 -5.68 -9.38 -13.28
CA GLN A 20 -5.77 -10.77 -12.87
C GLN A 20 -6.79 -10.99 -11.74
N SER A 21 -6.92 -10.00 -10.87
CA SER A 21 -7.79 -10.12 -9.71
C SER A 21 -9.28 -9.97 -10.05
N LEU A 22 -9.59 -9.51 -11.26
CA LEU A 22 -10.97 -9.21 -11.65
C LEU A 22 -11.72 -10.45 -12.11
N PRO A 23 -12.80 -10.82 -11.39
CA PRO A 23 -13.67 -11.94 -11.78
C PRO A 23 -14.40 -11.66 -13.10
N GLY A 24 -14.55 -12.70 -13.92
CA GLY A 24 -15.20 -12.56 -15.22
C GLY A 24 -16.65 -12.13 -15.12
N LYS A 25 -17.32 -12.54 -14.05
CA LYS A 25 -18.73 -12.21 -13.86
C LYS A 25 -18.94 -10.69 -13.73
N ALA A 26 -18.03 -10.03 -13.02
CA ALA A 26 -18.12 -8.58 -12.84
C ALA A 26 -17.86 -7.85 -14.16
N ILE A 27 -16.86 -8.31 -14.91
CA ILE A 27 -16.55 -7.73 -16.22
C ILE A 27 -17.69 -7.96 -17.20
N ASP A 28 -18.20 -9.19 -17.24
CA ASP A 28 -19.31 -9.54 -18.12
C ASP A 28 -20.56 -8.74 -17.80
N ALA A 29 -20.80 -8.50 -16.51
CA ALA A 29 -21.96 -7.72 -16.08
C ALA A 29 -21.76 -6.22 -16.28
N GLY A 30 -20.56 -5.84 -16.69
CA GLY A 30 -20.23 -4.45 -16.97
C GLY A 30 -20.11 -3.58 -15.72
N LEU A 31 -19.75 -4.21 -14.61
CA LEU A 31 -19.64 -3.49 -13.35
C LEU A 31 -18.30 -2.77 -13.18
N VAL A 32 -17.28 -3.22 -13.92
CA VAL A 32 -15.94 -2.66 -13.74
C VAL A 32 -15.06 -2.85 -14.97
N ASP A 33 -14.23 -1.85 -15.25
CA ASP A 33 -13.26 -1.90 -16.32
C ASP A 33 -11.98 -1.16 -15.89
N VAL A 34 -10.86 -1.87 -15.83
CA VAL A 34 -9.56 -1.27 -15.52
C VAL A 34 -8.67 -1.31 -16.76
N ALA A 35 -8.18 -0.15 -17.18
CA ALA A 35 -7.28 -0.06 -18.33
C ALA A 35 -5.97 0.61 -17.93
N VAL A 36 -4.86 0.13 -18.48
CA VAL A 36 -3.54 0.66 -18.14
C VAL A 36 -2.86 1.24 -19.39
N HIS A 37 -2.26 2.41 -19.25
CA HIS A 37 -1.67 3.15 -20.37
C HIS A 37 -0.20 3.50 -20.14
N ASP A 38 0.63 3.24 -21.14
CA ASP A 38 2.05 3.64 -21.13
C ASP A 38 2.17 5.16 -21.38
N LEU A 39 2.69 5.91 -20.40
CA LEU A 39 2.85 7.36 -20.54
C LEU A 39 3.64 7.73 -21.78
N ARG A 40 4.55 6.86 -22.22
CA ARG A 40 5.42 7.22 -23.35
C ARG A 40 4.65 7.35 -24.67
N ARG A 41 3.40 6.89 -24.71
CA ARG A 41 2.54 7.13 -25.88
C ARG A 41 2.36 8.63 -26.18
N TRP A 42 2.51 9.46 -25.15
CA TRP A 42 2.29 10.90 -25.31
C TRP A 42 3.58 11.73 -25.31
N THR A 43 4.74 11.07 -25.46
CA THR A 43 5.99 11.82 -25.61
C THR A 43 6.10 12.50 -27.00
N HIS A 44 6.99 13.49 -27.11
CA HIS A 44 7.06 14.30 -28.33
C HIS A 44 8.33 14.11 -29.16
N ASP A 45 9.33 13.47 -28.58
CA ASP A 45 10.64 13.39 -29.19
C ASP A 45 11.05 11.93 -29.48
N VAL A 46 12.08 11.78 -30.32
CA VAL A 46 12.49 10.44 -30.73
C VAL A 46 13.06 9.65 -29.55
N HIS A 47 13.52 10.35 -28.51
CA HIS A 47 14.07 9.65 -27.33
C HIS A 47 13.00 9.30 -26.28
N LYS A 48 11.74 9.63 -26.57
CA LYS A 48 10.60 9.35 -25.68
C LYS A 48 10.85 9.83 -24.24
N SER A 49 11.22 11.10 -24.12
CA SER A 49 11.59 11.71 -22.84
C SER A 49 10.39 12.00 -21.95
N VAL A 50 10.45 11.54 -20.69
CA VAL A 50 9.38 11.84 -19.72
C VAL A 50 9.86 12.68 -18.53
N ASP A 51 11.17 12.95 -18.44
CA ASP A 51 11.73 13.69 -17.31
C ASP A 51 12.77 14.74 -17.71
N ASP A 52 13.08 15.65 -16.79
CA ASP A 52 14.01 16.76 -17.05
C ASP A 52 14.51 17.32 -15.70
N SER A 53 15.54 18.16 -15.70
CA SER A 53 16.16 18.62 -14.45
CA SER A 53 16.17 18.63 -14.45
C SER A 53 15.28 19.63 -13.68
N PRO A 54 15.38 19.63 -12.34
CA PRO A 54 14.54 20.54 -11.54
C PRO A 54 14.96 22.01 -11.57
N TYR A 55 13.99 22.91 -11.76
CA TYR A 55 14.26 24.33 -11.59
C TYR A 55 14.63 24.58 -10.12
N GLY A 56 15.66 25.40 -9.92
CA GLY A 56 16.11 25.72 -8.57
C GLY A 56 17.22 24.79 -8.11
N GLY A 57 17.52 23.78 -8.91
CA GLY A 57 18.60 22.87 -8.63
C GLY A 57 18.20 21.73 -7.71
N GLY A 58 19.17 20.90 -7.35
CA GLY A 58 18.91 19.78 -6.49
C GLY A 58 19.07 18.46 -7.22
N PRO A 59 19.04 17.35 -6.47
CA PRO A 59 19.24 16.03 -7.07
C PRO A 59 17.97 15.50 -7.72
N GLY A 60 18.14 14.53 -8.60
CA GLY A 60 17.01 13.86 -9.21
C GLY A 60 16.45 14.58 -10.41
N MET A 61 15.29 14.11 -10.85
CA MET A 61 14.61 14.63 -12.03
C MET A 61 13.12 14.82 -11.75
N VAL A 62 12.46 15.63 -12.57
CA VAL A 62 11.04 15.94 -12.44
C VAL A 62 10.31 15.52 -13.73
N MET A 63 9.10 14.95 -13.62
CA MET A 63 8.40 14.55 -14.83
C MET A 63 7.82 15.76 -15.57
N LYS A 64 7.94 15.73 -16.90
CA LYS A 64 7.59 16.86 -17.80
C LYS A 64 6.09 17.18 -17.84
N PRO A 65 5.74 18.47 -17.72
CA PRO A 65 4.32 18.85 -17.79
C PRO A 65 3.70 18.67 -19.18
N THR A 66 4.47 18.86 -20.25
CA THR A 66 3.89 18.77 -21.61
C THR A 66 3.39 17.35 -21.92
N VAL A 67 4.13 16.34 -21.50
CA VAL A 67 3.75 14.94 -21.73
C VAL A 67 2.50 14.58 -20.90
N TRP A 68 2.53 14.86 -19.61
CA TRP A 68 1.39 14.58 -18.74
C TRP A 68 0.13 15.34 -19.13
N GLY A 69 0.29 16.61 -19.55
CA GLY A 69 -0.85 17.40 -19.97
C GLY A 69 -1.58 16.79 -21.15
N ASP A 70 -0.83 16.28 -22.14
CA ASP A 70 -1.45 15.63 -23.29
C ASP A 70 -2.15 14.32 -22.90
N ALA A 71 -1.51 13.53 -22.02
CA ALA A 71 -2.11 12.27 -21.61
C ALA A 71 -3.45 12.49 -20.91
N LEU A 72 -3.48 13.41 -19.95
CA LEU A 72 -4.70 13.67 -19.19
C LEU A 72 -5.78 14.36 -20.04
N ASP A 73 -5.39 15.20 -21.01
CA ASP A 73 -6.36 15.78 -21.93
C ASP A 73 -7.13 14.68 -22.68
N GLU A 74 -6.44 13.63 -23.09
CA GLU A 74 -7.07 12.55 -23.85
C GLU A 74 -7.94 11.63 -22.99
N ILE A 75 -7.46 11.31 -21.79
CA ILE A 75 -8.09 10.28 -20.95
C ILE A 75 -9.20 10.84 -20.04
N CYS A 76 -9.03 12.06 -19.55
CA CYS A 76 -9.97 12.63 -18.57
C CYS A 76 -11.15 13.34 -19.21
N THR A 77 -12.26 13.40 -18.48
CA THR A 77 -13.39 14.26 -18.84
C THR A 77 -13.77 15.10 -17.62
N SER A 78 -14.81 15.92 -17.76
CA SER A 78 -15.26 16.78 -16.66
C SER A 78 -15.74 15.96 -15.46
N GLU A 79 -16.10 14.70 -15.68
CA GLU A 79 -16.64 13.87 -14.61
C GLU A 79 -15.56 13.07 -13.86
N THR A 80 -14.32 13.12 -14.35
CA THR A 80 -13.21 12.35 -13.79
C THR A 80 -12.81 12.79 -12.39
N LEU A 81 -12.51 11.81 -11.52
CA LEU A 81 -11.78 12.07 -10.29
C LEU A 81 -10.31 11.68 -10.51
N LEU A 82 -9.42 12.67 -10.58
CA LEU A 82 -8.00 12.44 -10.82
C LEU A 82 -7.26 12.22 -9.52
N VAL A 83 -6.67 11.05 -9.37
CA VAL A 83 -5.94 10.63 -8.17
C VAL A 83 -4.44 10.63 -8.43
N VAL A 84 -3.70 11.36 -7.60
CA VAL A 84 -2.23 11.42 -7.73
C VAL A 84 -1.55 10.89 -6.46
N PRO A 85 -1.04 9.64 -6.46
CA PRO A 85 -0.36 9.16 -5.26
C PRO A 85 0.99 9.85 -5.04
N THR A 86 1.22 10.31 -3.80
CA THR A 86 2.43 11.04 -3.45
C THR A 86 2.61 11.01 -1.94
N PRO A 87 3.86 10.90 -1.46
CA PRO A 87 4.07 10.88 0.00
C PRO A 87 3.74 12.23 0.63
N ALA A 88 3.56 13.27 -0.18
CA ALA A 88 3.16 14.58 0.31
C ALA A 88 1.66 14.83 0.24
N GLY A 89 0.86 13.79 0.02
CA GLY A 89 -0.58 13.96 -0.13
C GLY A 89 -1.38 13.99 1.18
N TYR A 90 -2.68 14.27 1.07
CA TYR A 90 -3.63 14.07 2.16
C TYR A 90 -3.72 12.56 2.44
N PRO A 91 -4.01 12.15 3.68
CA PRO A 91 -4.08 10.70 3.95
C PRO A 91 -5.24 9.97 3.26
N PHE A 92 -4.93 8.85 2.58
CA PHE A 92 -5.94 7.91 2.07
C PHE A 92 -6.31 6.93 3.17
N THR A 93 -7.59 6.90 3.55
CA THR A 93 -8.07 6.00 4.62
C THR A 93 -9.30 5.23 4.16
N GLN A 94 -9.84 4.39 5.04
CA GLN A 94 -11.03 3.61 4.72
C GLN A 94 -12.21 4.51 4.36
N GLU A 95 -12.32 5.67 5.00
CA GLU A 95 -13.41 6.57 4.64
C GLU A 95 -13.24 7.10 3.22
N THR A 96 -12.00 7.39 2.80
CA THR A 96 -11.71 7.81 1.43
C THR A 96 -12.15 6.72 0.45
N ALA A 97 -11.80 5.46 0.77
CA ALA A 97 -12.15 4.35 -0.11
C ALA A 97 -13.68 4.24 -0.29
N TRP A 98 -14.43 4.39 0.80
CA TRP A 98 -15.90 4.38 0.72
C TRP A 98 -16.42 5.52 -0.17
N GLN A 99 -15.86 6.73 -0.03
CA GLN A 99 -16.32 7.85 -0.85
C GLN A 99 -16.05 7.60 -2.34
N TRP A 100 -14.85 7.11 -2.67
CA TRP A 100 -14.50 6.95 -4.08
C TRP A 100 -15.20 5.76 -4.73
N SER A 101 -15.74 4.84 -3.92
CA SER A 101 -16.35 3.61 -4.44
C SER A 101 -17.64 3.86 -5.25
N THR A 102 -18.20 5.05 -5.16
CA THR A 102 -19.41 5.34 -5.93
C THR A 102 -19.13 6.24 -7.15
N GLU A 103 -17.84 6.48 -7.42
CA GLU A 103 -17.45 7.30 -8.59
C GLU A 103 -17.62 6.55 -9.92
N ASP A 104 -17.93 7.29 -10.99
CA ASP A 104 -18.03 6.68 -12.31
C ASP A 104 -16.67 6.46 -12.98
N HIS A 105 -15.70 7.35 -12.73
CA HIS A 105 -14.42 7.34 -13.45
C HIS A 105 -13.25 7.83 -12.59
N LEU A 106 -12.32 6.94 -12.24
CA LEU A 106 -11.07 7.31 -11.58
C LEU A 106 -9.95 7.26 -12.59
N VAL A 107 -9.09 8.28 -12.62
CA VAL A 107 -7.84 8.22 -13.37
C VAL A 107 -6.69 8.33 -12.37
N ILE A 108 -5.77 7.38 -12.40
CA ILE A 108 -4.66 7.37 -11.42
C ILE A 108 -3.34 7.69 -12.14
N ALA A 109 -2.73 8.83 -11.79
CA ALA A 109 -1.48 9.27 -12.41
C ALA A 109 -0.28 8.86 -11.56
N CYS A 110 0.50 7.90 -12.05
CA CYS A 110 1.65 7.35 -11.31
C CYS A 110 2.95 8.04 -11.66
N GLY A 111 3.53 8.72 -10.67
CA GLY A 111 4.82 9.37 -10.85
C GLY A 111 6.02 8.47 -10.58
N ARG A 112 7.18 8.91 -11.07
CA ARG A 112 8.49 8.28 -10.81
C ARG A 112 9.48 9.43 -10.60
N TYR A 113 10.76 9.11 -10.45
CA TYR A 113 11.80 10.12 -10.18
C TYR A 113 11.40 10.93 -8.94
N GLU A 114 11.50 12.26 -9.01
CA GLU A 114 11.11 13.07 -7.85
C GLU A 114 9.68 13.65 -7.94
N GLY A 115 8.83 13.06 -8.80
CA GLY A 115 7.43 13.46 -8.91
C GLY A 115 7.10 14.24 -10.18
N ILE A 116 5.89 14.79 -10.24
CA ILE A 116 5.35 15.43 -11.44
C ILE A 116 5.31 16.96 -11.28
N ASP A 117 5.74 17.71 -12.31
CA ASP A 117 5.64 19.18 -12.32
C ASP A 117 4.27 19.62 -11.76
N GLN A 118 4.29 20.50 -10.75
CA GLN A 118 3.05 20.84 -10.03
C GLN A 118 1.98 21.51 -10.92
N ARG A 119 2.37 22.10 -12.05
CA ARG A 119 1.39 22.74 -12.92
C ARG A 119 0.42 21.73 -13.57
N VAL A 120 0.82 20.45 -13.65
CA VAL A 120 -0.10 19.44 -14.21
C VAL A 120 -1.36 19.32 -13.35
N ALA A 121 -1.19 19.12 -12.04
CA ALA A 121 -2.34 19.06 -11.12
C ALA A 121 -3.09 20.40 -11.04
N ASP A 122 -2.35 21.52 -11.01
CA ASP A 122 -2.98 22.83 -10.88
C ASP A 122 -3.85 23.15 -12.13
N ASP A 123 -3.36 22.84 -13.32
CA ASP A 123 -4.16 23.01 -14.54
C ASP A 123 -5.38 22.06 -14.55
N ALA A 124 -5.17 20.78 -14.23
CA ALA A 124 -6.28 19.84 -14.23
C ALA A 124 -7.40 20.25 -13.26
N ALA A 125 -7.01 20.81 -12.11
CA ALA A 125 -7.97 21.21 -11.08
C ALA A 125 -8.90 22.35 -11.51
N THR A 126 -8.58 23.03 -12.62
CA THR A 126 -9.47 24.10 -13.12
C THR A 126 -10.63 23.51 -13.93
N ARG A 127 -10.62 22.21 -14.21
CA ARG A 127 -11.76 21.63 -14.95
C ARG A 127 -12.22 20.24 -14.49
N MET A 128 -11.60 19.69 -13.44
CA MET A 128 -12.05 18.43 -12.85
C MET A 128 -11.64 18.38 -11.37
N ARG A 129 -12.12 17.38 -10.63
CA ARG A 129 -11.72 17.19 -9.24
C ARG A 129 -10.39 16.43 -9.17
N VAL A 130 -9.46 16.97 -8.38
CA VAL A 130 -8.12 16.39 -8.23
C VAL A 130 -7.82 16.06 -6.76
N ARG A 131 -7.27 14.87 -6.50
CA ARG A 131 -6.93 14.44 -5.13
C ARG A 131 -5.50 13.89 -5.04
N GLU A 132 -4.62 14.65 -4.39
CA GLU A 132 -3.26 14.18 -4.11
C GLU A 132 -3.29 13.43 -2.78
N VAL A 133 -2.88 12.16 -2.76
CA VAL A 133 -3.02 11.34 -1.54
C VAL A 133 -1.82 10.44 -1.25
N SER A 134 -1.60 10.18 0.03
CA SER A 134 -0.59 9.23 0.50
CA SER A 134 -0.59 9.21 0.47
C SER A 134 -1.26 8.02 1.17
N ILE A 135 -0.73 6.83 0.93
CA ILE A 135 -1.27 5.62 1.56
C ILE A 135 -0.57 5.27 2.89
N GLY A 136 0.48 6.02 3.26
CA GLY A 136 1.19 5.79 4.51
C GLY A 136 2.48 6.59 4.56
N ASP A 137 3.11 6.65 5.73
CA ASP A 137 4.28 7.53 5.89
C ASP A 137 5.61 6.86 5.53
N TYR A 138 5.81 6.65 4.23
CA TYR A 138 7.04 6.06 3.69
C TYR A 138 7.19 6.51 2.23
N VAL A 139 8.43 6.48 1.76
CA VAL A 139 8.74 6.84 0.37
C VAL A 139 8.93 5.57 -0.44
N LEU A 140 8.30 5.52 -1.62
CA LEU A 140 8.47 4.40 -2.56
C LEU A 140 9.37 4.84 -3.75
N ASN A 141 9.55 3.96 -4.73
CA ASN A 141 10.26 4.36 -5.96
C ASN A 141 9.36 5.06 -6.98
N GLY A 142 8.05 4.89 -6.80
CA GLY A 142 7.06 5.46 -7.70
C GLY A 142 5.65 5.23 -7.18
N GLY A 143 4.66 5.74 -7.91
CA GLY A 143 3.27 5.62 -7.47
C GLY A 143 2.57 4.29 -7.74
N GLU A 144 3.19 3.40 -8.52
CA GLU A 144 2.52 2.16 -8.95
C GLU A 144 2.05 1.25 -7.79
N ALA A 145 2.91 0.99 -6.79
CA ALA A 145 2.48 0.15 -5.67
C ALA A 145 1.35 0.79 -4.87
N ALA A 146 1.36 2.12 -4.75
CA ALA A 146 0.26 2.83 -4.08
C ALA A 146 -1.04 2.73 -4.89
N ALA A 147 -0.92 2.79 -6.21
CA ALA A 147 -2.09 2.61 -7.07
C ALA A 147 -2.73 1.22 -6.87
N LEU A 148 -1.91 0.17 -6.72
CA LEU A 148 -2.45 -1.18 -6.47
C LEU A 148 -3.27 -1.23 -5.17
N VAL A 149 -2.74 -0.60 -4.12
CA VAL A 149 -3.42 -0.57 -2.82
C VAL A 149 -4.75 0.19 -2.93
N ILE A 150 -4.71 1.37 -3.55
CA ILE A 150 -5.94 2.16 -3.74
C ILE A 150 -7.02 1.41 -4.55
N ILE A 151 -6.62 0.78 -5.66
CA ILE A 151 -7.57 0.05 -6.50
C ILE A 151 -8.22 -1.09 -5.73
N GLU A 152 -7.45 -1.85 -4.97
CA GLU A 152 -8.00 -2.96 -4.20
C GLU A 152 -8.94 -2.46 -3.09
N ALA A 153 -8.52 -1.45 -2.34
CA ALA A 153 -9.33 -0.95 -1.22
C ALA A 153 -10.67 -0.35 -1.70
N VAL A 154 -10.67 0.30 -2.86
CA VAL A 154 -11.90 0.88 -3.42
C VAL A 154 -12.80 -0.20 -4.05
N LEU A 155 -12.25 -1.04 -4.93
CA LEU A 155 -13.11 -1.97 -5.67
C LEU A 155 -13.74 -3.08 -4.80
N ARG A 156 -13.12 -3.44 -3.69
CA ARG A 156 -13.71 -4.47 -2.82
C ARG A 156 -14.98 -3.95 -2.13
N LEU A 157 -15.20 -2.64 -2.21
CA LEU A 157 -16.39 -2.01 -1.63
C LEU A 157 -17.52 -1.85 -2.65
N VAL A 158 -17.23 -2.11 -3.92
CA VAL A 158 -18.25 -2.09 -4.96
C VAL A 158 -18.92 -3.46 -5.08
N PRO A 159 -20.24 -3.51 -4.92
CA PRO A 159 -21.03 -4.76 -4.91
C PRO A 159 -20.62 -5.75 -6.00
N GLY A 160 -20.04 -6.88 -5.60
CA GLY A 160 -19.79 -7.99 -6.49
C GLY A 160 -18.64 -7.86 -7.49
N VAL A 161 -17.72 -6.93 -7.25
CA VAL A 161 -16.64 -6.71 -8.20
C VAL A 161 -15.42 -7.64 -7.99
N LEU A 162 -14.89 -7.73 -6.77
CA LEU A 162 -13.70 -8.54 -6.55
C LEU A 162 -14.02 -9.95 -6.04
N GLY A 163 -15.29 -10.22 -5.74
CA GLY A 163 -15.70 -11.53 -5.28
C GLY A 163 -15.70 -11.68 -3.78
N SER A 179 -11.64 3.46 15.15
CA SER A 179 -12.34 2.87 16.28
C SER A 179 -11.41 1.98 17.10
N LEU A 180 -11.64 0.67 17.05
CA LEU A 180 -10.77 -0.29 17.72
C LEU A 180 -10.23 -1.30 16.71
N LEU A 181 -9.08 -1.90 17.04
CA LEU A 181 -8.49 -2.93 16.21
C LEU A 181 -9.19 -4.28 16.37
N GLU A 182 -9.20 -5.10 15.31
CA GLU A 182 -9.69 -6.47 15.41
C GLU A 182 -8.80 -7.31 16.32
N GLY A 183 -9.42 -8.16 17.14
CA GLY A 183 -8.70 -9.11 17.99
C GLY A 183 -8.28 -10.38 17.25
N PRO A 184 -7.70 -11.33 18.00
CA PRO A 184 -7.21 -12.57 17.39
C PRO A 184 -8.31 -13.53 16.94
N SER A 185 -8.01 -14.33 15.92
CA SER A 185 -8.94 -15.34 15.39
CA SER A 185 -8.96 -15.34 15.45
C SER A 185 -8.36 -16.74 15.51
N TYR A 186 -9.23 -17.75 15.60
CA TYR A 186 -8.85 -19.16 15.75
C TYR A 186 -9.73 -20.11 14.95
N THR A 187 -9.16 -21.23 14.50
CA THR A 187 -9.95 -22.32 13.92
C THR A 187 -9.33 -23.68 14.29
N ARG A 188 -9.83 -24.77 13.71
CA ARG A 188 -9.35 -26.11 14.05
C ARG A 188 -7.87 -26.30 13.71
N PRO A 189 -7.15 -27.13 14.49
CA PRO A 189 -7.60 -27.97 15.62
C PRO A 189 -7.64 -27.23 16.95
N PRO A 190 -8.38 -27.75 17.94
CA PRO A 190 -8.53 -27.04 19.21
C PRO A 190 -7.22 -26.94 20.01
N SER A 191 -6.29 -27.86 19.77
CA SER A 191 -4.97 -27.79 20.38
CA SER A 191 -4.96 -27.82 20.39
C SER A 191 -3.90 -27.98 19.30
N TRP A 192 -2.91 -27.09 19.30
CA TRP A 192 -1.86 -27.11 18.28
C TRP A 192 -0.53 -26.61 18.86
N ARG A 193 0.51 -27.44 18.74
CA ARG A 193 1.85 -27.14 19.27
C ARG A 193 1.80 -26.59 20.70
N GLY A 194 0.98 -27.20 21.54
CA GLY A 194 0.91 -26.85 22.95
C GLY A 194 0.02 -25.66 23.26
N MET A 195 -0.63 -25.09 22.25
CA MET A 195 -1.48 -23.93 22.45
C MET A 195 -2.95 -24.25 22.20
N ASP A 196 -3.79 -24.04 23.22
CA ASP A 196 -5.24 -24.28 23.09
C ASP A 196 -6.00 -23.03 22.65
N VAL A 197 -7.06 -23.22 21.87
CA VAL A 197 -7.99 -22.13 21.58
C VAL A 197 -8.60 -21.70 22.90
N PRO A 198 -8.75 -20.37 23.12
CA PRO A 198 -9.39 -19.91 24.37
C PRO A 198 -10.73 -20.61 24.63
N PRO A 199 -10.87 -21.28 25.78
CA PRO A 199 -12.08 -22.05 26.09
C PRO A 199 -13.39 -21.26 26.01
N VAL A 200 -13.36 -19.95 26.27
CA VAL A 200 -14.58 -19.15 26.17
C VAL A 200 -15.23 -19.26 24.77
N LEU A 201 -14.40 -19.42 23.72
CA LEU A 201 -14.92 -19.46 22.37
C LEU A 201 -15.71 -20.75 22.11
N LEU A 202 -15.50 -21.77 22.95
CA LEU A 202 -16.24 -23.04 22.83
C LEU A 202 -17.39 -23.18 23.81
N SER A 203 -17.72 -22.10 24.54
CA SER A 203 -18.62 -22.18 25.69
C SER A 203 -20.12 -22.18 25.35
N GLY A 204 -20.48 -21.73 24.16
CA GLY A 204 -21.89 -21.54 23.86
C GLY A 204 -22.57 -20.42 24.65
N ASP A 205 -21.77 -19.54 25.25
CA ASP A 205 -22.30 -18.36 25.95
C ASP A 205 -21.99 -17.16 25.08
N HIS A 206 -22.91 -16.81 24.19
CA HIS A 206 -22.54 -15.87 23.13
C HIS A 206 -22.46 -14.39 23.59
N ALA A 207 -23.13 -14.03 24.68
CA ALA A 207 -22.95 -12.70 25.27
C ALA A 207 -21.56 -12.58 25.91
N LYS A 208 -21.13 -13.64 26.59
CA LYS A 208 -19.80 -13.66 27.20
C LYS A 208 -18.70 -13.62 26.14
N ILE A 209 -18.88 -14.36 25.05
CA ILE A 209 -17.91 -14.34 23.94
C ILE A 209 -17.76 -12.92 23.36
N ALA A 210 -18.86 -12.20 23.19
CA ALA A 210 -18.79 -10.85 22.64
C ALA A 210 -18.04 -9.90 23.58
N ALA A 211 -18.25 -10.08 24.90
CA ALA A 211 -17.54 -9.27 25.88
C ALA A 211 -16.03 -9.60 25.88
N TRP A 212 -15.70 -10.88 25.74
CA TRP A 212 -14.30 -11.30 25.66
C TRP A 212 -13.61 -10.69 24.44
N ARG A 213 -14.30 -10.73 23.30
CA ARG A 213 -13.73 -10.17 22.08
C ARG A 213 -13.54 -8.65 22.20
N ALA A 214 -14.48 -7.95 22.81
CA ALA A 214 -14.35 -6.51 23.01
C ALA A 214 -13.11 -6.16 23.85
N GLU A 215 -12.86 -6.95 24.90
CA GLU A 215 -11.70 -6.69 25.76
C GLU A 215 -10.39 -6.99 25.03
N GLN A 216 -10.36 -8.04 24.21
CA GLN A 216 -9.17 -8.35 23.41
C GLN A 216 -8.85 -7.19 22.46
N SER A 217 -9.90 -6.62 21.87
CA SER A 217 -9.76 -5.48 20.96
CA SER A 217 -9.73 -5.49 20.96
C SER A 217 -9.20 -4.25 21.68
N ARG A 218 -9.75 -3.98 22.85
CA ARG A 218 -9.28 -2.86 23.67
C ARG A 218 -7.79 -3.02 24.03
N GLN A 219 -7.39 -4.20 24.49
CA GLN A 219 -5.98 -4.40 24.87
C GLN A 219 -5.03 -4.28 23.67
N ARG A 220 -5.42 -4.84 22.54
CA ARG A 220 -4.58 -4.78 21.34
C ARG A 220 -4.43 -3.34 20.86
N THR A 221 -5.52 -2.56 20.94
CA THR A 221 -5.48 -1.16 20.54
C THR A 221 -4.57 -0.33 21.47
N ILE A 222 -4.65 -0.57 22.78
CA ILE A 222 -3.75 0.11 23.74
C ILE A 222 -2.28 -0.19 23.42
N GLU A 223 -1.96 -1.44 23.16
CA GLU A 223 -0.57 -1.85 22.91
C GLU A 223 -0.02 -1.36 21.56
N ARG A 224 -0.81 -1.47 20.50
CA ARG A 224 -0.29 -1.26 19.15
C ARG A 224 -0.62 0.11 18.54
N ARG A 225 -1.75 0.69 18.93
CA ARG A 225 -2.25 1.94 18.34
C ARG A 225 -2.86 2.88 19.38
N PRO A 226 -2.07 3.33 20.36
CA PRO A 226 -2.62 4.22 21.39
C PRO A 226 -3.15 5.54 20.80
N ASP A 227 -2.74 5.88 19.58
CA ASP A 227 -3.24 7.08 18.91
C ASP A 227 -4.75 7.04 18.69
N LEU A 228 -5.29 5.83 18.60
CA LEU A 228 -6.72 5.65 18.32
C LEU A 228 -7.61 5.81 19.55
N LEU A 229 -6.99 6.13 20.69
CA LEU A 229 -7.74 6.22 21.94
C LEU A 229 -7.74 7.63 22.53
N SER B 2 23.33 -7.23 1.89
CA SER B 2 22.86 -8.49 1.33
C SER B 2 21.60 -8.95 2.05
N MET B 3 20.52 -9.12 1.29
CA MET B 3 19.25 -9.52 1.89
C MET B 3 18.54 -10.58 1.04
N LYS B 4 17.94 -11.55 1.72
CA LYS B 4 17.01 -12.50 1.10
C LYS B 4 15.60 -12.22 1.59
N ILE B 5 14.63 -12.16 0.67
CA ILE B 5 13.23 -12.03 1.03
C ILE B 5 12.42 -13.21 0.48
N ASP B 6 11.71 -13.90 1.36
CA ASP B 6 10.79 -14.97 0.96
C ASP B 6 9.35 -14.52 1.25
N VAL B 7 8.46 -14.67 0.26
CA VAL B 7 7.05 -14.32 0.41
C VAL B 7 6.21 -15.59 0.28
N VAL B 8 5.26 -15.80 1.20
CA VAL B 8 4.41 -16.99 1.18
C VAL B 8 2.95 -16.56 1.00
N THR B 9 2.26 -17.18 0.06
CA THR B 9 0.95 -16.70 -0.42
C THR B 9 0.18 -17.81 -1.13
N ILE B 10 -1.15 -17.74 -1.14
CA ILE B 10 -1.91 -18.66 -2.01
C ILE B 10 -2.17 -18.07 -3.41
N PHE B 11 -1.68 -16.85 -3.65
CA PHE B 11 -1.74 -16.23 -4.97
C PHE B 11 -0.38 -15.72 -5.43
N PRO B 12 0.55 -16.65 -5.73
CA PRO B 12 1.91 -16.25 -6.13
C PRO B 12 1.95 -15.31 -7.36
N GLU B 13 0.95 -15.38 -8.23
CA GLU B 13 0.95 -14.55 -9.43
C GLU B 13 0.84 -13.05 -9.10
N TYR B 14 0.24 -12.73 -7.97
CA TYR B 14 0.06 -11.33 -7.57
C TYR B 14 1.39 -10.66 -7.20
N LEU B 15 2.44 -11.45 -6.99
CA LEU B 15 3.73 -10.90 -6.57
C LEU B 15 4.66 -10.63 -7.74
N GLN B 16 4.15 -10.86 -8.95
CA GLN B 16 4.92 -10.61 -10.18
C GLN B 16 5.55 -9.22 -10.35
N PRO B 17 4.88 -8.13 -9.90
CA PRO B 17 5.49 -6.81 -10.15
C PRO B 17 6.85 -6.62 -9.47
N VAL B 18 7.22 -7.50 -8.56
CA VAL B 18 8.49 -7.40 -7.85
C VAL B 18 9.67 -7.54 -8.80
N ARG B 19 9.43 -8.03 -10.01
CA ARG B 19 10.48 -8.20 -11.00
C ARG B 19 10.85 -6.88 -11.67
N GLN B 20 11.39 -5.95 -10.88
CA GLN B 20 11.83 -4.66 -11.39
C GLN B 20 13.28 -4.39 -11.00
N GLY B 30 21.82 -8.49 -7.39
CA GLY B 30 22.88 -9.38 -6.92
C GLY B 30 23.08 -9.30 -5.41
N LEU B 31 22.76 -8.13 -4.84
CA LEU B 31 22.88 -7.93 -3.40
C LEU B 31 21.61 -8.35 -2.69
N VAL B 32 20.53 -8.49 -3.45
CA VAL B 32 19.26 -8.89 -2.87
C VAL B 32 18.56 -9.93 -3.75
N ASP B 33 17.86 -10.86 -3.10
CA ASP B 33 17.13 -11.92 -3.78
C ASP B 33 15.71 -12.03 -3.22
N VAL B 34 14.72 -12.13 -4.09
CA VAL B 34 13.33 -12.31 -3.68
C VAL B 34 12.76 -13.61 -4.25
N ALA B 35 12.14 -14.42 -3.40
CA ALA B 35 11.51 -15.67 -3.83
C ALA B 35 10.06 -15.75 -3.35
N VAL B 36 9.20 -16.33 -4.19
CA VAL B 36 7.77 -16.43 -3.88
C VAL B 36 7.32 -17.89 -3.80
N HIS B 37 6.61 -18.23 -2.72
CA HIS B 37 6.20 -19.61 -2.47
C HIS B 37 4.68 -19.77 -2.36
N ASP B 38 4.16 -20.79 -3.03
CA ASP B 38 2.74 -21.16 -2.95
C ASP B 38 2.48 -21.96 -1.66
N LEU B 39 1.70 -21.39 -0.75
CA LEU B 39 1.36 -22.06 0.53
C LEU B 39 0.79 -23.47 0.33
N ARG B 40 0.11 -23.71 -0.79
CA ARG B 40 -0.55 -24.99 -1.00
C ARG B 40 0.44 -26.14 -1.20
N ARG B 41 1.71 -25.79 -1.42
CA ARG B 41 2.79 -26.78 -1.50
C ARG B 41 2.89 -27.61 -0.22
N TRP B 42 2.46 -27.05 0.91
CA TRP B 42 2.62 -27.72 2.19
C TRP B 42 1.32 -28.42 2.68
N THR B 43 0.33 -28.54 1.81
CA THR B 43 -0.88 -29.28 2.18
C THR B 43 -0.67 -30.77 1.96
N HIS B 44 -1.67 -31.58 2.33
CA HIS B 44 -1.53 -33.02 2.22
C HIS B 44 -2.79 -33.72 1.69
N ASP B 45 -3.93 -33.06 1.77
CA ASP B 45 -5.16 -33.61 1.19
C ASP B 45 -5.24 -33.32 -0.30
N VAL B 46 -6.16 -33.98 -0.99
CA VAL B 46 -6.31 -33.79 -2.44
C VAL B 46 -6.96 -32.45 -2.76
N HIS B 47 -7.70 -31.90 -1.79
CA HIS B 47 -8.43 -30.66 -1.98
C HIS B 47 -7.56 -29.43 -1.69
N LYS B 48 -6.43 -29.65 -1.04
CA LYS B 48 -5.48 -28.59 -0.68
C LYS B 48 -6.15 -27.49 0.13
N SER B 49 -6.91 -27.88 1.15
CA SER B 49 -7.67 -26.91 1.96
C SER B 49 -6.79 -26.14 2.93
N VAL B 50 -6.91 -24.81 2.91
CA VAL B 50 -6.09 -23.98 3.78
C VAL B 50 -6.90 -23.22 4.82
N ASP B 51 -8.23 -23.34 4.78
CA ASP B 51 -9.11 -22.53 5.63
C ASP B 51 -10.28 -23.31 6.29
N ASP B 52 -10.85 -22.74 7.36
CA ASP B 52 -11.94 -23.37 8.10
C ASP B 52 -12.75 -22.26 8.82
N SER B 53 -13.98 -22.56 9.27
CA SER B 53 -14.82 -21.59 9.98
CA SER B 53 -14.80 -21.59 9.98
C SER B 53 -14.23 -21.19 11.34
N PRO B 54 -14.49 -19.95 11.80
CA PRO B 54 -13.92 -19.50 13.09
C PRO B 54 -14.54 -20.08 14.36
N TYR B 55 -13.69 -20.44 15.32
CA TYR B 55 -14.20 -20.76 16.65
C TYR B 55 -14.85 -19.51 17.25
N GLY B 56 -16.00 -19.69 17.89
CA GLY B 56 -16.70 -18.61 18.57
C GLY B 56 -17.68 -17.83 17.71
N GLY B 57 -17.73 -18.17 16.43
CA GLY B 57 -18.65 -17.52 15.51
C GLY B 57 -18.07 -16.34 14.77
N GLY B 58 -18.86 -15.83 13.83
CA GLY B 58 -18.43 -14.72 13.01
C GLY B 58 -18.52 -15.08 11.54
N PRO B 59 -18.49 -14.06 10.68
CA PRO B 59 -18.52 -14.31 9.23
C PRO B 59 -17.17 -14.74 8.70
N GLY B 60 -17.19 -15.43 7.55
CA GLY B 60 -15.97 -15.75 6.86
C GLY B 60 -15.21 -16.97 7.34
N MET B 61 -13.95 -17.03 6.93
CA MET B 61 -13.09 -18.17 7.21
C MET B 61 -11.74 -17.70 7.75
N VAL B 62 -11.07 -18.61 8.45
CA VAL B 62 -9.74 -18.34 9.04
C VAL B 62 -8.72 -19.32 8.45
N MET B 63 -7.50 -18.86 8.16
CA MET B 63 -6.49 -19.80 7.66
C MET B 63 -5.97 -20.71 8.78
N LYS B 64 -5.93 -22.02 8.49
CA LYS B 64 -5.54 -23.04 9.47
C LYS B 64 -4.07 -22.92 9.89
N PRO B 65 -3.76 -23.18 11.16
CA PRO B 65 -2.37 -23.03 11.57
C PRO B 65 -1.46 -24.17 11.09
N THR B 66 -2.01 -25.36 10.84
CA THR B 66 -1.18 -26.52 10.52
C THR B 66 -0.32 -26.32 9.26
N VAL B 67 -0.96 -25.87 8.18
CA VAL B 67 -0.26 -25.66 6.91
C VAL B 67 0.80 -24.57 7.02
N TRP B 68 0.46 -23.47 7.71
CA TRP B 68 1.40 -22.37 7.91
C TRP B 68 2.62 -22.82 8.74
N GLY B 69 2.38 -23.62 9.78
CA GLY B 69 3.46 -24.08 10.63
C GLY B 69 4.48 -24.90 9.86
N ASP B 70 4.00 -25.77 8.98
CA ASP B 70 4.90 -26.59 8.17
C ASP B 70 5.70 -25.74 7.17
N ALA B 71 5.05 -24.74 6.58
CA ALA B 71 5.74 -23.87 5.61
C ALA B 71 6.85 -23.07 6.28
N LEU B 72 6.54 -22.46 7.41
CA LEU B 72 7.51 -21.61 8.11
C LEU B 72 8.64 -22.44 8.73
N ASP B 73 8.34 -23.68 9.13
CA ASP B 73 9.35 -24.62 9.62
C ASP B 73 10.47 -24.77 8.59
N GLU B 74 10.09 -24.84 7.32
CA GLU B 74 11.04 -25.10 6.25
C GLU B 74 11.81 -23.86 5.79
N ILE B 75 11.13 -22.72 5.79
CA ILE B 75 11.67 -21.48 5.23
C ILE B 75 12.42 -20.63 6.27
N CYS B 76 11.99 -20.67 7.52
CA CYS B 76 12.56 -19.78 8.55
C CYS B 76 13.69 -20.40 9.36
N THR B 77 14.58 -19.55 9.88
CA THR B 77 15.55 -19.94 10.89
C THR B 77 15.42 -18.99 12.09
N SER B 78 16.24 -19.20 13.12
CA SER B 78 16.20 -18.35 14.30
C SER B 78 16.61 -16.90 14.02
N GLU B 79 17.30 -16.66 12.91
CA GLU B 79 17.72 -15.32 12.54
C GLU B 79 16.70 -14.56 11.69
N THR B 80 15.66 -15.26 11.23
CA THR B 80 14.62 -14.67 10.39
C THR B 80 13.81 -13.57 11.09
N LEU B 81 13.50 -12.49 10.38
CA LEU B 81 12.46 -11.57 10.81
C LEU B 81 11.15 -11.92 10.09
N LEU B 82 10.18 -12.44 10.84
CA LEU B 82 8.88 -12.81 10.26
C LEU B 82 7.96 -11.61 10.27
N VAL B 83 7.53 -11.20 9.07
CA VAL B 83 6.65 -10.05 8.87
C VAL B 83 5.24 -10.51 8.49
N VAL B 84 4.22 -10.05 9.23
CA VAL B 84 2.84 -10.44 8.96
C VAL B 84 1.96 -9.19 8.73
N PRO B 85 1.64 -8.86 7.46
CA PRO B 85 0.78 -7.70 7.23
C PRO B 85 -0.66 -7.92 7.71
N THR B 86 -1.20 -6.96 8.46
CA THR B 86 -2.56 -7.03 9.01
C THR B 86 -3.03 -5.62 9.39
N PRO B 87 -4.32 -5.31 9.18
CA PRO B 87 -4.82 -3.98 9.56
C PRO B 87 -4.79 -3.77 11.08
N ALA B 88 -4.58 -4.85 11.84
CA ALA B 88 -4.50 -4.76 13.29
C ALA B 88 -3.06 -4.69 13.80
N GLY B 89 -2.11 -4.44 12.89
CA GLY B 89 -0.71 -4.43 13.27
C GLY B 89 -0.18 -3.12 13.85
N TYR B 90 1.07 -3.15 14.33
CA TYR B 90 1.80 -1.91 14.63
C TYR B 90 2.03 -1.16 13.30
N PRO B 91 2.10 0.18 13.34
CA PRO B 91 2.31 0.92 12.07
C PRO B 91 3.67 0.69 11.41
N PHE B 92 3.66 0.40 10.11
CA PHE B 92 4.87 0.37 9.27
C PHE B 92 5.12 1.79 8.74
N THR B 93 6.25 2.39 9.14
CA THR B 93 6.62 3.75 8.75
C THR B 93 8.02 3.79 8.13
N GLN B 94 8.46 4.98 7.72
CA GLN B 94 9.82 5.16 7.19
C GLN B 94 10.89 4.67 8.17
N GLU B 95 10.67 4.88 9.47
CA GLU B 95 11.60 4.38 10.48
C GLU B 95 11.70 2.86 10.45
N THR B 96 10.56 2.19 10.32
CA THR B 96 10.53 0.73 10.19
C THR B 96 11.35 0.27 8.97
N ALA B 97 11.18 0.98 7.85
CA ALA B 97 11.89 0.63 6.64
C ALA B 97 13.41 0.74 6.83
N TRP B 98 13.87 1.82 7.46
CA TRP B 98 15.30 1.95 7.79
C TRP B 98 15.79 0.78 8.67
N GLN B 99 14.98 0.43 9.68
CA GLN B 99 15.34 -0.64 10.60
C GLN B 99 15.50 -1.98 9.90
N TRP B 100 14.55 -2.30 9.01
CA TRP B 100 14.55 -3.60 8.35
C TRP B 100 15.56 -3.67 7.20
N SER B 101 16.06 -2.51 6.76
CA SER B 101 16.98 -2.45 5.62
C SER B 101 18.33 -3.13 5.87
N THR B 102 18.68 -3.38 7.12
CA THR B 102 19.95 -4.04 7.40
C THR B 102 19.78 -5.48 7.87
N GLU B 103 18.60 -6.04 7.65
CA GLU B 103 18.32 -7.46 8.02
C GLU B 103 18.86 -8.40 6.96
N ASP B 104 19.28 -9.59 7.39
CA ASP B 104 19.75 -10.63 6.47
C ASP B 104 18.60 -11.38 5.78
N HIS B 105 17.48 -11.54 6.47
CA HIS B 105 16.41 -12.43 6.00
C HIS B 105 15.02 -11.99 6.48
N LEU B 106 14.19 -11.55 5.55
CA LEU B 106 12.79 -11.26 5.81
C LEU B 106 11.91 -12.37 5.22
N VAL B 107 10.94 -12.82 6.00
CA VAL B 107 9.90 -13.72 5.46
C VAL B 107 8.54 -13.04 5.66
N ILE B 108 7.80 -12.87 4.57
CA ILE B 108 6.52 -12.16 4.63
C ILE B 108 5.36 -13.14 4.44
N ALA B 109 4.56 -13.32 5.50
CA ALA B 109 3.42 -14.24 5.47
C ALA B 109 2.13 -13.51 5.07
N CYS B 110 1.61 -13.80 3.88
CA CYS B 110 0.41 -13.13 3.35
C CYS B 110 -0.88 -13.87 3.64
N GLY B 111 -1.76 -13.27 4.42
CA GLY B 111 -3.06 -13.86 4.69
C GLY B 111 -4.14 -13.52 3.66
N ARG B 112 -5.20 -14.31 3.68
CA ARG B 112 -6.41 -14.08 2.89
C ARG B 112 -7.61 -14.36 3.81
N TYR B 113 -8.82 -14.34 3.25
CA TYR B 113 -10.05 -14.57 4.04
C TYR B 113 -10.10 -13.57 5.23
N GLU B 114 -10.41 -14.05 6.43
CA GLU B 114 -10.40 -13.16 7.58
C GLU B 114 -9.09 -13.18 8.35
N GLY B 115 -8.03 -13.71 7.74
CA GLY B 115 -6.72 -13.70 8.38
C GLY B 115 -6.22 -15.08 8.81
N ILE B 116 -5.13 -15.09 9.57
CA ILE B 116 -4.43 -16.31 9.97
C ILE B 116 -4.64 -16.58 11.46
N ASP B 117 -4.92 -17.84 11.82
CA ASP B 117 -4.99 -18.30 13.22
C ASP B 117 -3.85 -17.70 14.05
N GLN B 118 -4.17 -17.07 15.17
CA GLN B 118 -3.18 -16.32 15.94
C GLN B 118 -2.02 -17.20 16.46
N ARG B 119 -2.25 -18.50 16.58
CA ARG B 119 -1.20 -19.37 17.11
C ARG B 119 -0.01 -19.50 16.17
N VAL B 120 -0.17 -19.18 14.89
CA VAL B 120 0.96 -19.23 13.96
C VAL B 120 2.03 -18.23 14.38
N ALA B 121 1.63 -16.99 14.62
CA ALA B 121 2.57 -15.95 15.06
C ALA B 121 3.10 -16.25 16.47
N ASP B 122 2.24 -16.74 17.36
CA ASP B 122 2.66 -17.03 18.73
C ASP B 122 3.70 -18.16 18.74
N ASP B 123 3.46 -19.22 17.97
CA ASP B 123 4.43 -20.31 17.87
C ASP B 123 5.76 -19.84 17.27
N ALA B 124 5.69 -19.03 16.22
CA ALA B 124 6.90 -18.55 15.55
C ALA B 124 7.74 -17.71 16.51
N ALA B 125 7.07 -16.95 17.37
CA ALA B 125 7.75 -16.04 18.28
C ALA B 125 8.57 -16.76 19.35
N THR B 126 8.33 -18.06 19.55
CA THR B 126 9.15 -18.85 20.47
C THR B 126 10.53 -19.17 19.91
N ARG B 127 10.76 -18.91 18.63
CA ARG B 127 12.07 -19.23 18.07
CA ARG B 127 12.08 -19.22 18.07
C ARG B 127 12.66 -18.16 17.15
N MET B 128 11.87 -17.15 16.79
CA MET B 128 12.36 -16.04 15.96
C MET B 128 11.65 -14.74 16.31
N ARG B 129 12.13 -13.62 15.79
CA ARG B 129 11.46 -12.32 15.95
C ARG B 129 10.27 -12.18 14.99
N VAL B 130 9.12 -11.74 15.51
CA VAL B 130 7.90 -11.62 14.72
C VAL B 130 7.35 -10.18 14.75
N ARG B 131 6.95 -9.66 13.59
CA ARG B 131 6.37 -8.31 13.52
C ARG B 131 5.05 -8.30 12.74
N GLU B 132 3.93 -8.11 13.43
CA GLU B 132 2.63 -7.84 12.79
C GLU B 132 2.52 -6.34 12.52
N VAL B 133 2.34 -5.96 11.25
CA VAL B 133 2.33 -4.54 10.87
C VAL B 133 1.20 -4.15 9.90
N SER B 134 0.74 -2.90 10.02
CA SER B 134 -0.21 -2.29 9.09
CA SER B 134 -0.20 -2.32 9.07
C SER B 134 0.48 -1.22 8.25
N ILE B 135 0.22 -1.19 6.95
CA ILE B 135 0.81 -0.15 6.09
C ILE B 135 -0.08 1.10 6.00
N GLY B 136 -1.27 1.05 6.60
CA GLY B 136 -2.18 2.19 6.56
C GLY B 136 -3.59 1.78 6.98
N ASP B 137 -4.44 2.76 7.29
CA ASP B 137 -5.74 2.45 7.88
C ASP B 137 -6.84 2.20 6.82
N TYR B 138 -6.73 1.04 6.18
CA TYR B 138 -7.71 0.58 5.18
C TYR B 138 -7.69 -0.96 5.13
N VAL B 139 -8.78 -1.55 4.67
CA VAL B 139 -8.88 -3.00 4.58
C VAL B 139 -8.66 -3.47 3.14
N LEU B 140 -7.84 -4.50 2.98
CA LEU B 140 -7.62 -5.14 1.68
C LEU B 140 -8.30 -6.51 1.65
N ASN B 141 -8.21 -7.21 0.52
CA ASN B 141 -8.69 -8.60 0.47
C ASN B 141 -7.62 -9.60 0.89
N GLY B 142 -6.37 -9.14 0.98
CA GLY B 142 -5.27 -9.98 1.44
C GLY B 142 -3.97 -9.21 1.66
N GLY B 143 -2.94 -9.90 2.18
CA GLY B 143 -1.67 -9.23 2.47
C GLY B 143 -0.71 -8.97 1.31
N GLU B 144 -1.03 -9.50 0.12
CA GLU B 144 -0.11 -9.42 -1.02
C GLU B 144 0.26 -7.98 -1.46
N ALA B 145 -0.72 -7.09 -1.61
CA ALA B 145 -0.40 -5.72 -1.99
C ALA B 145 0.41 -4.99 -0.92
N ALA B 146 0.17 -5.33 0.35
CA ALA B 146 0.95 -4.77 1.45
C ALA B 146 2.40 -5.27 1.42
N ALA B 147 2.58 -6.56 1.10
CA ALA B 147 3.92 -7.12 0.86
C ALA B 147 4.70 -6.34 -0.20
N LEU B 148 4.05 -6.00 -1.31
CA LEU B 148 4.72 -5.25 -2.37
C LEU B 148 5.18 -3.86 -1.89
N VAL B 149 4.34 -3.17 -1.13
CA VAL B 149 4.68 -1.87 -0.56
C VAL B 149 5.88 -1.97 0.39
N ILE B 150 5.86 -2.97 1.28
CA ILE B 150 6.95 -3.17 2.23
C ILE B 150 8.28 -3.48 1.51
N ILE B 151 8.23 -4.38 0.53
CA ILE B 151 9.44 -4.73 -0.22
C ILE B 151 10.04 -3.52 -0.91
N GLU B 152 9.21 -2.72 -1.57
CA GLU B 152 9.74 -1.54 -2.26
C GLU B 152 10.33 -0.52 -1.29
N ALA B 153 9.64 -0.24 -0.17
CA ALA B 153 10.11 0.76 0.78
C ALA B 153 11.43 0.34 1.44
N VAL B 154 11.60 -0.96 1.67
CA VAL B 154 12.83 -1.49 2.31
C VAL B 154 14.00 -1.59 1.33
N LEU B 155 13.75 -2.16 0.14
CA LEU B 155 14.87 -2.47 -0.77
C LEU B 155 15.60 -1.23 -1.27
N ARG B 156 14.90 -0.10 -1.42
CA ARG B 156 15.54 1.11 -1.92
C ARG B 156 16.52 1.72 -0.90
N LEU B 157 16.47 1.23 0.34
CA LEU B 157 17.35 1.71 1.43
C LEU B 157 18.57 0.82 1.68
N VAL B 158 18.55 -0.41 1.14
CA VAL B 158 19.64 -1.36 1.37
C VAL B 158 20.97 -0.81 0.84
N PRO B 159 22.02 -0.84 1.67
CA PRO B 159 23.32 -0.28 1.26
C PRO B 159 23.80 -0.92 -0.04
N GLY B 160 24.10 -0.10 -1.04
CA GLY B 160 24.50 -0.60 -2.34
C GLY B 160 23.41 -0.46 -3.39
N VAL B 161 22.23 0.00 -2.98
CA VAL B 161 21.12 0.17 -3.92
C VAL B 161 20.80 1.65 -4.15
N SER B 179 8.72 13.86 9.81
CA SER B 179 9.38 15.15 9.70
C SER B 179 8.45 16.16 9.02
N LEU B 180 8.70 16.42 7.73
CA LEU B 180 7.90 17.38 6.94
C LEU B 180 7.59 16.81 5.57
N LEU B 181 6.57 17.38 4.91
CA LEU B 181 6.20 16.99 3.55
C LEU B 181 7.00 17.78 2.52
N GLU B 182 7.41 17.13 1.43
CA GLU B 182 8.12 17.84 0.37
C GLU B 182 7.17 18.79 -0.37
N GLY B 183 7.70 19.95 -0.75
CA GLY B 183 6.92 20.92 -1.50
C GLY B 183 6.88 20.62 -2.99
N PRO B 184 6.31 21.54 -3.76
CA PRO B 184 6.15 21.34 -5.21
C PRO B 184 7.47 21.41 -6.00
N SER B 185 7.52 20.67 -7.13
CA SER B 185 8.67 20.66 -8.04
CA SER B 185 8.68 20.73 -8.02
C SER B 185 8.27 21.14 -9.44
N TYR B 186 9.23 21.65 -10.21
CA TYR B 186 8.98 22.19 -11.56
C TYR B 186 10.14 21.88 -12.51
N THR B 187 9.84 21.79 -13.82
CA THR B 187 10.88 21.68 -14.84
C THR B 187 10.45 22.45 -16.10
N ARG B 188 11.23 22.37 -17.18
CA ARG B 188 10.99 23.18 -18.40
C ARG B 188 9.68 22.80 -19.10
N PRO B 189 9.01 23.76 -19.79
CA PRO B 189 9.36 25.16 -20.05
C PRO B 189 8.97 26.09 -18.89
N PRO B 190 9.57 27.29 -18.81
CA PRO B 190 9.31 28.18 -17.67
C PRO B 190 7.88 28.75 -17.66
N SER B 191 7.23 28.78 -18.82
CA SER B 191 5.81 29.11 -18.92
CA SER B 191 5.82 29.12 -18.94
C SER B 191 5.10 28.02 -19.72
N TRP B 192 3.98 27.53 -19.19
CA TRP B 192 3.20 26.46 -19.83
C TRP B 192 1.70 26.68 -19.63
N ARG B 193 0.94 26.76 -20.72
CA ARG B 193 -0.50 27.04 -20.69
C ARG B 193 -0.83 28.31 -19.91
N GLY B 194 0.09 29.27 -19.90
CA GLY B 194 -0.13 30.52 -19.18
C GLY B 194 0.16 30.40 -17.68
N MET B 195 0.77 29.29 -17.26
CA MET B 195 1.17 29.08 -15.86
C MET B 195 2.71 29.15 -15.72
N ASP B 196 3.19 30.08 -14.89
CA ASP B 196 4.63 30.29 -14.73
C ASP B 196 5.24 29.50 -13.57
N VAL B 197 6.46 29.00 -13.77
CA VAL B 197 7.29 28.52 -12.66
C VAL B 197 7.55 29.70 -11.71
N PRO B 198 7.44 29.49 -10.39
CA PRO B 198 7.76 30.56 -9.43
C PRO B 198 9.10 31.24 -9.75
N PRO B 199 9.08 32.58 -9.93
CA PRO B 199 10.28 33.30 -10.38
C PRO B 199 11.53 33.10 -9.51
N VAL B 200 11.38 32.89 -8.21
CA VAL B 200 12.55 32.69 -7.37
C VAL B 200 13.38 31.48 -7.83
N LEU B 201 12.71 30.48 -8.41
CA LEU B 201 13.38 29.25 -8.82
C LEU B 201 14.23 29.46 -10.07
N LEU B 202 14.00 30.57 -10.78
CA LEU B 202 14.78 30.92 -11.96
C LEU B 202 15.86 31.96 -11.65
N SER B 203 15.95 32.38 -10.39
CA SER B 203 16.77 33.54 -10.01
C SER B 203 18.23 33.21 -9.71
N GLY B 204 18.53 31.93 -9.52
CA GLY B 204 19.89 31.50 -9.22
C GLY B 204 20.38 31.85 -7.83
N ASP B 205 19.48 32.37 -7.00
CA ASP B 205 19.82 32.73 -5.63
C ASP B 205 19.58 31.56 -4.68
N HIS B 206 20.65 30.82 -4.36
CA HIS B 206 20.54 29.60 -3.57
C HIS B 206 19.92 29.81 -2.19
N ALA B 207 20.28 30.89 -1.51
CA ALA B 207 19.73 31.21 -0.20
C ALA B 207 18.23 31.47 -0.28
N LYS B 208 17.82 32.27 -1.26
CA LYS B 208 16.40 32.57 -1.43
C LYS B 208 15.60 31.34 -1.86
N ILE B 209 16.18 30.51 -2.71
CA ILE B 209 15.51 29.27 -3.15
C ILE B 209 15.34 28.30 -1.97
N ALA B 210 16.39 28.14 -1.18
CA ALA B 210 16.33 27.28 0.00
C ALA B 210 15.24 27.74 0.97
N ALA B 211 15.17 29.06 1.19
CA ALA B 211 14.17 29.63 2.08
C ALA B 211 12.75 29.45 1.56
N TRP B 212 12.56 29.61 0.25
CA TRP B 212 11.25 29.43 -0.36
C TRP B 212 10.79 27.98 -0.26
N ARG B 213 11.71 27.06 -0.53
CA ARG B 213 11.38 25.63 -0.48
C ARG B 213 11.07 25.17 0.96
N ALA B 214 11.77 25.72 1.94
CA ALA B 214 11.51 25.38 3.34
C ALA B 214 10.12 25.85 3.75
N GLU B 215 9.75 27.05 3.29
CA GLU B 215 8.44 27.63 3.59
C GLU B 215 7.32 26.82 2.93
N GLN B 216 7.49 26.47 1.66
CA GLN B 216 6.49 25.68 0.95
C GLN B 216 6.26 24.33 1.64
N SER B 217 7.33 23.71 2.14
CA SER B 217 7.21 22.42 2.82
CA SER B 217 7.19 22.42 2.80
C SER B 217 6.40 22.55 4.10
N ARG B 218 6.73 23.56 4.90
CA ARG B 218 6.04 23.74 6.16
C ARG B 218 4.57 24.14 5.93
N GLN B 219 4.32 24.95 4.89
CA GLN B 219 2.95 25.30 4.49
C GLN B 219 2.10 24.10 4.03
N ARG B 220 2.69 23.23 3.21
CA ARG B 220 1.98 22.04 2.76
C ARG B 220 1.69 21.09 3.92
N THR B 221 2.61 21.04 4.88
CA THR B 221 2.49 20.14 6.01
C THR B 221 1.34 20.56 6.95
N ILE B 222 1.24 21.85 7.28
CA ILE B 222 0.14 22.30 8.14
C ILE B 222 -1.23 22.13 7.45
N GLU B 223 -1.29 22.23 6.10
CA GLU B 223 -2.55 22.07 5.38
C GLU B 223 -3.02 20.61 5.26
N ARG B 224 -2.09 19.71 4.97
CA ARG B 224 -2.44 18.33 4.61
C ARG B 224 -2.19 17.34 5.74
N ARG B 225 -1.18 17.62 6.57
CA ARG B 225 -0.80 16.71 7.66
C ARG B 225 -0.49 17.45 8.98
N PRO B 226 -1.50 18.13 9.55
CA PRO B 226 -1.20 18.93 10.75
C PRO B 226 -0.69 18.08 11.92
N ASP B 227 -1.01 16.80 11.93
CA ASP B 227 -0.52 15.88 12.96
C ASP B 227 1.02 15.82 13.04
N LEU B 228 1.69 15.98 11.90
CA LEU B 228 3.15 15.93 11.87
C LEU B 228 3.81 17.09 12.63
N LEU B 229 3.09 18.20 12.77
CA LEU B 229 3.60 19.37 13.50
C LEU B 229 2.95 19.51 14.88
N GLY B 230 2.21 18.48 15.30
CA GLY B 230 1.62 18.48 16.64
C GLY B 230 0.31 19.24 16.78
N PHE B 231 -0.51 19.26 15.72
CA PHE B 231 -1.83 19.88 15.77
C PHE B 231 -2.94 18.86 15.53
N ASP B 232 -4.16 19.23 15.93
CA ASP B 232 -5.35 18.38 15.79
C ASP B 232 -5.66 17.94 14.37
N SER B 233 -6.34 16.79 14.29
CA SER B 233 -6.86 16.22 13.05
C SER B 233 -5.75 15.68 12.18
#